data_6SX3
#
_entry.id   6SX3
#
loop_
_entity.id
_entity.type
_entity.pdbx_description
1 polymer VK2
2 non-polymer ~{N}2,~{N}6-bis(1-methylquinolin-1-ium-3-yl)pyridine-2,6-dicarboxamide
#
_entity_poly.entity_id   1
_entity_poly.type   'polydeoxyribonucleotide'
_entity_poly.pdbx_seq_one_letter_code
;(DG)(DG)(DG)(DA)(DG)(DC)(DG)(DA)(DG)(DG)(DG)(DA)(DG)(DC)(DG)(DA)(DG)(DG)(DG)(DA)
(DG)(DC)(DG)(DA)(DG)(DG)(DG)(DA)(DG)(DC)(DG)
;
_entity_poly.pdbx_strand_id   A
#